data_5A2J
#
_entry.id   5A2J
#
_cell.length_a   45.853
_cell.length_b   35.486
_cell.length_c   69.518
_cell.angle_alpha   90.00
_cell.angle_beta   98.99
_cell.angle_gamma   90.00
#
_symmetry.space_group_name_H-M   'P 1 21 1'
#
loop_
_entity.id
_entity.type
_entity.pdbx_description
1 polymer SCFV-SM3
2 polymer 'THE NAKED PEPTIDE APDTRP'
3 non-polymer 1,2-ETHANEDIOL
4 water water
#
loop_
_entity_poly.entity_id
_entity_poly.type
_entity_poly.pdbx_seq_one_letter_code
_entity_poly.pdbx_strand_id
1 'polypeptide(L)'
;QVQLQESGGGLVQPGGSMKLSCVASGFTFSNYWMNWVRQSPEKGLEWVAEIRLKSNNYATHYAESVKGRFTISRDDSKSS
VYLQMNNLRAEDTGIYYCTGVGQFAYWGQGTTVTVSASSGGGGSGGGGGSSGSSDIVVTQESALTTSPGETVTLTCRSST
GAVTTSNYANWVQEKPDHLFTGLIGGTNNRAPGVPARFSGSLIGDKAALTITGAQTEDEAIYFCALWYSNHWVFGGGTKL
TVLG
;
H
2 'polypeptide(L)' APDTRP P
#
loop_
_chem_comp.id
_chem_comp.type
_chem_comp.name
_chem_comp.formula
EDO non-polymer 1,2-ETHANEDIOL 'C2 H6 O2'
#
# COMPACT_ATOMS: atom_id res chain seq x y z
N GLN A 1 -4.41 -18.69 -6.52
CA GLN A 1 -4.43 -17.39 -5.82
C GLN A 1 -3.19 -16.63 -6.24
N VAL A 2 -3.05 -15.44 -5.70
CA VAL A 2 -1.89 -14.60 -6.01
C VAL A 2 -0.96 -14.66 -4.81
N GLN A 3 0.33 -14.78 -5.09
CA GLN A 3 1.32 -14.77 -4.06
C GLN A 3 2.41 -13.80 -4.45
N LEU A 4 2.87 -13.05 -3.46
CA LEU A 4 4.04 -12.21 -3.59
C LEU A 4 4.97 -12.59 -2.47
N GLN A 5 6.07 -13.27 -2.80
CA GLN A 5 6.97 -13.74 -1.75
C GLN A 5 8.25 -12.94 -1.70
N GLU A 6 8.46 -12.30 -0.55
CA GLU A 6 9.61 -11.44 -0.33
CA GLU A 6 9.62 -11.47 -0.38
C GLU A 6 10.75 -12.17 0.36
N SER A 7 11.95 -11.64 0.15
CA SER A 7 13.13 -12.11 0.83
C SER A 7 14.16 -10.99 0.84
N GLY A 8 15.20 -11.15 1.66
CA GLY A 8 16.34 -10.25 1.63
C GLY A 8 16.57 -9.37 2.84
N GLY A 9 15.56 -9.25 3.70
CA GLY A 9 15.67 -8.42 4.91
C GLY A 9 16.67 -8.97 5.92
N GLY A 10 17.01 -8.15 6.88
CA GLY A 10 17.95 -8.53 7.93
C GLY A 10 18.51 -7.30 8.59
N LEU A 11 19.52 -7.54 9.45
CA LEU A 11 20.19 -6.49 10.20
C LEU A 11 21.33 -5.96 9.36
N VAL A 12 21.48 -4.64 9.35
CA VAL A 12 22.54 -3.99 8.57
C VAL A 12 22.98 -2.71 9.30
N GLN A 13 24.26 -2.36 9.18
CA GLN A 13 24.78 -1.18 9.84
C GLN A 13 24.43 0.07 9.04
N PRO A 14 24.31 1.23 9.72
CA PRO A 14 24.19 2.49 9.00
C PRO A 14 25.32 2.64 7.98
N GLY A 15 24.97 3.12 6.79
CA GLY A 15 25.91 3.23 5.67
C GLY A 15 25.95 2.00 4.79
N GLY A 16 25.28 0.94 5.23
CA GLY A 16 25.29 -0.34 4.55
C GLY A 16 24.33 -0.43 3.39
N SER A 17 24.32 -1.61 2.77
CA SER A 17 23.49 -1.87 1.61
CA SER A 17 23.45 -1.84 1.63
C SER A 17 22.77 -3.19 1.78
N MET A 18 21.61 -3.32 1.13
CA MET A 18 20.84 -4.53 1.16
C MET A 18 19.98 -4.60 -0.08
N LYS A 19 19.71 -5.82 -0.56
CA LYS A 19 18.83 -6.00 -1.71
C LYS A 19 17.66 -6.89 -1.35
N LEU A 20 16.45 -6.39 -1.59
CA LEU A 20 15.23 -7.12 -1.34
C LEU A 20 14.70 -7.65 -2.65
N SER A 21 14.08 -8.82 -2.57
CA SER A 21 13.49 -9.49 -3.73
C SER A 21 12.03 -9.83 -3.46
N CYS A 22 11.23 -9.86 -4.53
CA CYS A 22 9.84 -10.26 -4.42
C CYS A 22 9.46 -11.04 -5.69
N VAL A 23 9.05 -12.28 -5.53
CA VAL A 23 8.64 -13.11 -6.66
C VAL A 23 7.12 -13.25 -6.65
N ALA A 24 6.50 -12.95 -7.79
CA ALA A 24 5.05 -12.98 -7.96
C ALA A 24 4.55 -14.22 -8.71
N SER A 25 3.37 -14.71 -8.33
CA SER A 25 2.71 -15.79 -9.07
C SER A 25 1.21 -15.59 -9.02
N GLY A 26 0.51 -16.13 -10.00
CA GLY A 26 -0.95 -16.11 -10.00
C GLY A 26 -1.59 -14.99 -10.80
N PHE A 27 -0.79 -14.05 -11.28
CA PHE A 27 -1.27 -12.99 -12.18
C PHE A 27 -0.21 -12.63 -13.22
N THR A 28 -0.59 -11.91 -14.28
CA THR A 28 0.34 -11.54 -15.32
C THR A 28 1.17 -10.36 -14.82
N PHE A 29 2.19 -10.69 -14.03
CA PHE A 29 3.10 -9.74 -13.40
C PHE A 29 3.55 -8.61 -14.34
N SER A 30 3.98 -8.98 -15.55
CA SER A 30 4.53 -8.01 -16.49
C SER A 30 3.57 -6.94 -17.01
N ASN A 31 2.26 -7.10 -16.74
CA ASN A 31 1.24 -6.18 -17.19
C ASN A 31 0.94 -5.08 -16.18
N TYR A 32 1.53 -5.16 -15.01
CA TYR A 32 1.23 -4.24 -13.91
C TYR A 32 2.45 -3.52 -13.35
N TRP A 33 2.25 -2.28 -12.93
CA TRP A 33 3.31 -1.57 -12.21
C TRP A 33 3.49 -2.27 -10.86
N MET A 34 4.68 -2.16 -10.27
CA MET A 34 4.93 -2.65 -8.94
C MET A 34 5.49 -1.56 -8.05
N ASN A 35 5.23 -1.71 -6.75
CA ASN A 35 5.63 -0.74 -5.74
C ASN A 35 6.30 -1.41 -4.57
N TRP A 36 7.15 -0.66 -3.89
CA TRP A 36 7.56 -1.00 -2.54
C TRP A 36 6.96 0.03 -1.58
N VAL A 37 6.49 -0.46 -0.44
CA VAL A 37 5.89 0.33 0.62
C VAL A 37 6.51 -0.23 1.89
N ARG A 38 6.88 0.64 2.81
CA ARG A 38 7.43 0.20 4.10
C ARG A 38 6.60 0.66 5.29
N GLN A 39 6.68 -0.10 6.36
CA GLN A 39 5.97 0.20 7.61
C GLN A 39 6.92 0.29 8.78
N SER A 40 6.80 1.38 9.53
CA SER A 40 7.52 1.53 10.80
C SER A 40 6.55 2.04 11.89
N PRO A 41 6.81 1.68 13.18
CA PRO A 41 5.94 2.26 14.23
C PRO A 41 5.88 3.78 14.16
N GLU A 42 7.04 4.40 13.87
CA GLU A 42 7.17 5.84 13.84
C GLU A 42 6.43 6.48 12.68
N LYS A 43 6.80 6.10 11.45
CA LYS A 43 6.30 6.79 10.27
C LYS A 43 5.10 6.13 9.59
N GLY A 44 4.53 5.06 10.18
CA GLY A 44 3.35 4.40 9.59
C GLY A 44 3.68 3.74 8.25
N LEU A 45 2.71 3.72 7.32
CA LEU A 45 2.94 3.20 5.96
C LEU A 45 3.48 4.28 5.08
N GLU A 46 4.58 3.99 4.38
CA GLU A 46 5.23 4.92 3.52
C GLU A 46 5.51 4.30 2.16
N TRP A 47 4.93 4.86 1.10
CA TRP A 47 5.27 4.45 -0.25
C TRP A 47 6.72 4.87 -0.54
N VAL A 48 7.51 3.94 -1.09
CA VAL A 48 8.97 4.07 -1.31
C VAL A 48 9.30 4.28 -2.79
N ALA A 49 8.69 3.48 -3.65
CA ALA A 49 9.08 3.43 -5.06
C ALA A 49 8.07 2.72 -5.92
N GLU A 50 8.02 3.11 -7.21
CA GLU A 50 7.22 2.37 -8.19
C GLU A 50 8.06 2.09 -9.42
N ILE A 51 7.70 1.03 -10.14
CA ILE A 51 8.28 0.75 -11.45
C ILE A 51 7.15 0.42 -12.40
N ARG A 52 7.21 1.04 -13.58
CA ARG A 52 6.21 0.81 -14.60
C ARG A 52 6.70 -0.30 -15.53
N LEU A 53 5.98 -0.35 -16.83
CA LEU A 53 6.11 -1.52 -17.64
C LEU A 53 7.35 -1.41 -18.53
N LYS A 54 7.61 -2.60 -19.32
CA LYS A 54 8.59 -2.58 -20.39
C LYS A 54 8.29 -1.51 -21.44
N SER A 55 6.81 -1.31 -21.78
CA SER A 55 6.44 -0.33 -22.79
C SER A 55 6.63 1.11 -22.29
N ASN A 56 6.84 1.28 -20.98
CA ASN A 56 7.20 2.58 -20.40
C ASN A 56 8.69 2.72 -20.14
N ASN A 57 9.50 1.88 -20.80
CA ASN A 57 10.94 1.86 -20.58
C ASN A 57 11.29 1.62 -19.09
N TYR A 58 10.42 0.86 -18.41
CA TYR A 58 10.61 0.54 -16.99
C TYR A 58 10.77 1.79 -16.12
N ALA A 59 10.03 2.84 -16.44
CA ALA A 59 10.17 4.12 -15.73
C ALA A 59 9.94 3.95 -14.25
N THR A 60 10.74 4.65 -13.46
CA THR A 60 10.63 4.59 -12.00
C THR A 60 10.37 5.95 -11.36
N HIS A 61 9.83 5.90 -10.14
CA HIS A 61 9.75 7.10 -9.31
CA HIS A 61 9.65 7.11 -9.30
C HIS A 61 9.90 6.69 -7.86
N TYR A 62 10.43 7.61 -7.06
CA TYR A 62 10.84 7.37 -5.66
C TYR A 62 10.27 8.38 -4.70
N ALA A 63 10.04 7.96 -3.47
CA ALA A 63 9.84 8.92 -2.37
C ALA A 63 11.09 9.78 -2.21
N GLU A 64 10.89 11.06 -1.86
CA GLU A 64 12.01 11.95 -1.67
C GLU A 64 12.98 11.43 -0.62
N SER A 65 12.46 10.73 0.39
CA SER A 65 13.28 10.16 1.48
C SER A 65 14.33 9.13 1.05
N VAL A 66 14.10 8.48 -0.09
CA VAL A 66 15.01 7.47 -0.57
C VAL A 66 15.67 7.76 -1.93
N LYS A 67 15.29 8.85 -2.57
CA LYS A 67 15.75 9.17 -3.92
C LYS A 67 17.27 9.33 -3.90
N GLY A 68 17.95 8.74 -4.88
CA GLY A 68 19.41 8.72 -4.94
C GLY A 68 20.10 7.64 -4.13
N ARG A 69 19.36 6.93 -3.28
CA ARG A 69 19.90 5.83 -2.49
C ARG A 69 19.28 4.46 -2.81
N PHE A 70 18.01 4.44 -3.20
CA PHE A 70 17.29 3.17 -3.46
C PHE A 70 17.05 3.06 -4.96
N THR A 71 17.09 1.83 -5.46
CA THR A 71 16.78 1.56 -6.86
C THR A 71 15.81 0.39 -6.93
N ILE A 72 14.67 0.65 -7.54
CA ILE A 72 13.67 -0.40 -7.81
C ILE A 72 13.95 -0.92 -9.23
N SER A 73 13.84 -2.24 -9.42
CA SER A 73 13.99 -2.84 -10.73
C SER A 73 13.12 -4.08 -10.82
N ARG A 74 12.93 -4.57 -12.02
CA ARG A 74 12.10 -5.75 -12.25
C ARG A 74 12.72 -6.67 -13.30
N ASP A 75 12.38 -7.95 -13.19
CA ASP A 75 12.75 -8.95 -14.17
C ASP A 75 11.47 -9.68 -14.49
N ASP A 76 10.84 -9.28 -15.60
CA ASP A 76 9.57 -9.87 -15.96
C ASP A 76 9.73 -11.37 -16.31
N SER A 77 10.89 -11.75 -16.83
CA SER A 77 11.13 -13.18 -17.13
C SER A 77 11.13 -14.07 -15.88
N LYS A 78 11.34 -13.46 -14.70
CA LYS A 78 11.35 -14.18 -13.43
C LYS A 78 10.16 -13.74 -12.55
N SER A 79 9.24 -12.96 -13.12
CA SER A 79 8.11 -12.38 -12.36
C SER A 79 8.54 -11.79 -11.03
N SER A 80 9.64 -11.02 -11.05
CA SER A 80 10.23 -10.53 -9.83
C SER A 80 10.48 -9.03 -9.87
N VAL A 81 10.29 -8.42 -8.70
CA VAL A 81 10.64 -7.02 -8.46
C VAL A 81 11.66 -6.96 -7.33
N TYR A 82 12.55 -5.99 -7.40
CA TYR A 82 13.66 -5.87 -6.46
C TYR A 82 13.78 -4.48 -5.91
N LEU A 83 14.41 -4.36 -4.74
CA LEU A 83 14.75 -3.04 -4.22
C LEU A 83 16.20 -3.10 -3.70
N GLN A 84 17.09 -2.42 -4.43
CA GLN A 84 18.46 -2.19 -3.98
C GLN A 84 18.49 -0.98 -3.05
N MET A 85 18.99 -1.16 -1.84
CA MET A 85 19.03 -0.09 -0.85
C MET A 85 20.48 0.18 -0.48
N ASN A 86 20.94 1.50 -0.78
CA ASN A 86 22.31 1.90 -0.46
C ASN A 86 22.29 3.01 0.57
N ASN A 87 23.73 3.21 1.35
CA ASN A 87 23.84 4.38 2.21
C ASN A 87 22.72 4.42 3.24
N LEU A 88 22.25 3.04 3.83
CA LEU A 88 21.11 2.91 4.72
C LEU A 88 21.26 3.80 5.95
N ARG A 89 20.13 4.32 6.41
CA ARG A 89 20.03 5.11 7.62
C ARG A 89 19.09 4.45 8.60
N ALA A 90 19.23 4.83 9.88
CA ALA A 90 18.30 4.39 10.90
C ALA A 90 16.83 4.55 10.48
N GLU A 91 16.49 5.67 9.84
CA GLU A 91 15.09 5.94 9.46
C GLU A 91 14.56 4.98 8.40
N ASP A 92 15.45 4.21 7.76
CA ASP A 92 15.04 3.20 6.77
C ASP A 92 14.59 1.89 7.39
N THR A 93 14.80 1.73 8.70
CA THR A 93 14.29 0.58 9.41
C THR A 93 12.78 0.42 9.21
N GLY A 94 12.35 -0.82 8.95
CA GLY A 94 10.91 -1.10 8.80
C GLY A 94 10.63 -2.41 8.10
N ILE A 95 9.35 -2.73 7.95
CA ILE A 95 8.92 -3.92 7.23
C ILE A 95 8.61 -3.44 5.82
N TYR A 96 9.23 -4.08 4.83
CA TYR A 96 9.11 -3.71 3.43
C TYR A 96 8.23 -4.68 2.69
N TYR A 97 7.23 -4.13 2.00
CA TYR A 97 6.26 -4.90 1.23
C TYR A 97 6.35 -4.54 -0.25
N CYS A 98 6.27 -5.55 -1.09
CA CYS A 98 5.99 -5.33 -2.51
C CYS A 98 4.49 -5.41 -2.69
N THR A 99 3.93 -4.53 -3.52
CA THR A 99 2.49 -4.45 -3.67
C THR A 99 2.13 -3.81 -5.00
N GLY A 100 1.01 -4.25 -5.56
CA GLY A 100 0.50 -3.64 -6.78
C GLY A 100 -0.85 -4.19 -7.16
N VAL A 101 -1.27 -3.77 -8.36
CA VAL A 101 -2.53 -4.15 -9.01
C VAL A 101 -3.73 -3.34 -8.50
N GLY A 102 -4.18 -2.42 -9.35
CA GLY A 102 -5.46 -1.71 -9.19
C GLY A 102 -5.85 -0.99 -7.89
N GLN A 103 -4.97 -0.33 -7.11
CA GLN A 103 -3.54 -0.19 -7.30
C GLN A 103 -2.71 -0.91 -6.24
N PHE A 104 -3.34 -1.37 -5.15
CA PHE A 104 -2.65 -2.05 -4.04
C PHE A 104 -3.45 -3.29 -3.62
N ALA A 105 -3.93 -4.08 -4.72
CA ALA A 105 -4.72 -5.27 -4.38
C ALA A 105 -3.91 -6.29 -3.60
N TYR A 106 -2.68 -6.52 -4.05
CA TYR A 106 -1.88 -7.61 -3.58
C TYR A 106 -0.68 -7.11 -2.82
N TRP A 107 -0.41 -7.75 -1.70
CA TRP A 107 0.73 -7.41 -0.85
C TRP A 107 1.49 -8.67 -0.53
N GLY A 108 2.82 -8.57 -0.49
CA GLY A 108 3.63 -9.63 0.04
C GLY A 108 3.56 -9.67 1.56
N GLN A 109 4.14 -10.70 2.14
CA GLN A 109 4.14 -10.92 3.58
C GLN A 109 5.03 -9.94 4.34
N GLY A 110 5.92 -9.28 3.62
CA GLY A 110 6.84 -8.34 4.22
C GLY A 110 8.16 -8.98 4.58
N THR A 111 9.23 -8.19 4.47
CA THR A 111 10.57 -8.60 4.94
C THR A 111 11.11 -7.43 5.76
N THR A 112 11.71 -7.74 6.89
CA THR A 112 12.12 -6.72 7.84
C THR A 112 13.56 -6.26 7.65
N VAL A 113 13.74 -4.95 7.52
CA VAL A 113 15.05 -4.35 7.42
C VAL A 113 15.33 -3.58 8.71
N THR A 114 16.41 -3.93 9.41
CA THR A 114 16.78 -3.25 10.65
C THR A 114 18.14 -2.58 10.46
N VAL A 115 18.16 -1.25 10.47
CA VAL A 115 19.39 -0.51 10.26
C VAL A 115 19.80 -0.03 11.65
N SER A 116 20.84 -0.67 12.19
CA SER A 116 21.34 -0.34 13.53
C SER A 116 22.76 -0.84 13.70
N ILE A 136 2.78 16.63 2.36
CA ILE A 136 1.33 16.28 2.19
C ILE A 136 0.90 15.30 3.28
N VAL A 137 -0.23 15.61 3.91
CA VAL A 137 -0.77 14.75 4.95
C VAL A 137 -2.13 14.22 4.53
N VAL A 138 -2.29 12.91 4.67
CA VAL A 138 -3.57 12.25 4.40
C VAL A 138 -4.11 11.87 5.76
N THR A 139 -5.30 12.38 6.08
CA THR A 139 -5.88 12.25 7.42
C THR A 139 -7.07 11.32 7.42
N GLN A 140 -7.06 10.39 8.38
CA GLN A 140 -8.13 9.44 8.59
C GLN A 140 -8.54 9.52 10.02
N GLU A 141 -9.74 9.05 10.34
CA GLU A 141 -10.15 8.93 11.74
C GLU A 141 -9.19 8.01 12.50
N SER A 142 -8.75 8.39 13.70
CA SER A 142 -7.83 7.54 14.43
C SER A 142 -8.50 6.23 14.80
N ALA A 143 -9.76 6.32 15.24
CA ALA A 143 -10.54 5.12 15.59
C ALA A 143 -11.99 5.35 15.28
N LEU A 144 -12.69 4.26 14.96
CA LEU A 144 -14.13 4.25 14.91
C LEU A 144 -14.59 2.95 15.55
N THR A 145 -15.73 3.01 16.24
CA THR A 145 -16.33 1.86 16.87
C THR A 145 -17.69 1.62 16.23
N THR A 146 -17.95 0.35 15.90
CA THR A 146 -19.21 -0.05 15.32
C THR A 146 -19.61 -1.38 15.95
N SER A 147 -20.70 -1.96 15.45
CA SER A 147 -21.18 -3.26 15.90
C SER A 147 -21.59 -4.07 14.70
N PRO A 148 -21.69 -5.41 14.85
CA PRO A 148 -22.07 -6.20 13.67
C PRO A 148 -23.42 -5.78 13.15
N GLY A 149 -23.50 -5.66 11.84
CA GLY A 149 -24.72 -5.31 11.15
C GLY A 149 -24.94 -3.83 10.91
N GLU A 150 -24.09 -3.00 11.50
CA GLU A 150 -24.18 -1.56 11.30
C GLU A 150 -23.52 -1.15 9.99
N THR A 151 -23.83 0.06 9.56
CA THR A 151 -23.14 0.65 8.43
C THR A 151 -22.14 1.68 8.96
N VAL A 152 -20.87 1.49 8.63
CA VAL A 152 -19.83 2.38 9.09
C VAL A 152 -19.07 2.92 7.88
N THR A 153 -18.74 4.21 7.94
CA THR A 153 -18.06 4.93 6.87
C THR A 153 -16.76 5.50 7.41
N LEU A 154 -15.65 5.08 6.81
CA LEU A 154 -14.31 5.57 7.12
C LEU A 154 -14.01 6.61 6.06
N THR A 155 -13.29 7.67 6.43
CA THR A 155 -12.98 8.73 5.48
C THR A 155 -11.50 9.05 5.41
N CYS A 156 -11.16 9.75 4.33
CA CYS A 156 -9.79 9.98 3.94
C CYS A 156 -9.72 11.39 3.38
N ARG A 157 -8.96 12.25 4.06
CA ARG A 157 -8.87 13.68 3.71
C ARG A 157 -7.48 14.05 3.22
N SER A 158 -7.43 14.95 2.24
CA SER A 158 -6.16 15.47 1.72
C SER A 158 -5.84 16.83 2.30
N SER A 159 -4.57 17.04 2.66
CA SER A 159 -4.17 18.36 3.12
C SER A 159 -4.02 19.39 1.99
N THR A 160 -4.13 18.96 0.74
CA THR A 160 -3.98 19.88 -0.39
C THR A 160 -5.30 20.51 -0.84
N GLY A 161 -6.58 19.91 -0.40
CA GLY A 161 -7.90 20.31 -0.79
C GLY A 161 -8.74 19.07 -0.84
N ALA A 162 -9.71 19.09 -1.95
CA ALA A 162 -10.62 17.97 -2.07
C ALA A 162 -9.85 16.77 -2.53
N VAL A 163 -10.38 15.55 -2.07
CA VAL A 163 -10.03 14.32 -2.72
C VAL A 163 -10.98 14.19 -3.90
N THR A 164 -10.39 13.89 -5.05
CA THR A 164 -11.16 13.66 -6.26
C THR A 164 -10.73 12.35 -6.90
N THR A 165 -11.37 12.00 -8.01
CA THR A 165 -11.00 10.82 -8.78
C THR A 165 -9.55 10.88 -9.24
N SER A 166 -8.99 12.09 -9.37
CA SER A 166 -7.57 12.24 -9.73
C SER A 166 -6.61 11.71 -8.66
N ASN A 167 -7.11 11.47 -7.44
CA ASN A 167 -6.31 10.92 -6.37
C ASN A 167 -6.41 9.39 -6.25
N TYR A 168 -7.23 8.77 -7.08
CA TYR A 168 -7.27 7.31 -7.18
C TYR A 168 -7.24 6.64 -5.81
N ALA A 169 -8.17 7.00 -4.93
CA ALA A 169 -8.06 6.53 -3.55
C ALA A 169 -8.08 5.01 -3.49
N ASN A 170 -7.19 4.46 -2.68
CA ASN A 170 -7.19 3.02 -2.38
C ASN A 170 -7.45 2.84 -0.91
N TRP A 171 -8.04 1.71 -0.58
CA TRP A 171 -8.27 1.32 0.79
C TRP A 171 -7.67 -0.06 0.99
N VAL A 172 -6.85 -0.18 2.02
CA VAL A 172 -6.10 -1.38 2.33
C VAL A 172 -6.33 -1.77 3.79
N GLN A 173 -6.60 -3.04 4.02
CA GLN A 173 -6.86 -3.55 5.37
C GLN A 173 -5.66 -4.22 5.94
N GLU A 174 -5.31 -3.88 7.18
CA GLU A 174 -4.26 -4.59 7.91
C GLU A 174 -4.87 -5.41 9.05
N LYS A 175 -4.71 -6.72 8.94
CA LYS A 175 -5.05 -7.62 10.04
C LYS A 175 -3.78 -8.11 10.76
N PRO A 176 -3.94 -8.68 11.97
CA PRO A 176 -2.78 -9.02 12.81
C PRO A 176 -1.78 -9.96 12.15
N ASP A 177 -0.52 -9.80 12.54
CA ASP A 177 0.64 -10.36 11.86
C ASP A 177 0.92 -9.55 10.60
N HIS A 178 0.65 -8.23 10.63
CA HIS A 178 0.95 -7.36 9.47
C HIS A 178 0.49 -7.96 8.14
N LEU A 179 -0.78 -8.36 8.09
CA LEU A 179 -1.35 -8.99 6.89
C LEU A 179 -2.16 -7.94 6.15
N PHE A 180 -1.65 -7.49 4.99
CA PHE A 180 -2.29 -6.45 4.21
C PHE A 180 -3.04 -7.00 3.02
N THR A 181 -4.26 -6.50 2.83
CA THR A 181 -5.11 -6.84 1.70
C THR A 181 -5.73 -5.57 1.12
N GLY A 182 -5.60 -5.39 -0.19
CA GLY A 182 -6.24 -4.27 -0.85
C GLY A 182 -7.72 -4.55 -1.00
N LEU A 183 -8.55 -3.60 -0.60
CA LEU A 183 -10.00 -3.76 -0.70
C LEU A 183 -10.60 -2.98 -1.86
N ILE A 184 -10.22 -1.70 -1.97
CA ILE A 184 -10.76 -0.80 -2.97
C ILE A 184 -9.61 -0.10 -3.65
N GLY A 185 -9.72 0.08 -4.96
CA GLY A 185 -8.78 0.93 -5.69
C GLY A 185 -9.48 1.86 -6.64
N GLY A 186 -8.76 2.84 -7.16
CA GLY A 186 -9.36 3.74 -8.15
C GLY A 186 -10.68 4.37 -7.68
N THR A 187 -10.69 4.78 -6.41
CA THR A 187 -11.83 5.38 -5.73
C THR A 187 -12.94 4.39 -5.35
N ASN A 188 -13.46 3.68 -6.34
CA ASN A 188 -14.68 2.93 -6.17
C ASN A 188 -14.61 1.47 -6.64
N ASN A 189 -13.42 0.95 -6.93
CA ASN A 189 -13.31 -0.37 -7.56
C ASN A 189 -12.96 -1.44 -6.55
N ARG A 190 -13.84 -2.41 -6.40
CA ARG A 190 -13.61 -3.47 -5.42
C ARG A 190 -12.59 -4.50 -5.97
N ALA A 191 -11.39 -4.64 -5.33
CA ALA A 191 -10.40 -5.68 -5.78
C ALA A 191 -11.01 -7.09 -5.93
N PRO A 192 -10.48 -7.93 -6.86
CA PRO A 192 -11.09 -9.25 -7.11
C PRO A 192 -11.31 -10.09 -5.84
N GLY A 193 -12.55 -10.61 -5.68
CA GLY A 193 -12.92 -11.49 -4.55
C GLY A 193 -13.07 -10.77 -3.21
N VAL A 194 -13.24 -9.46 -3.23
CA VAL A 194 -13.42 -8.70 -1.99
C VAL A 194 -14.90 -8.71 -1.65
N PRO A 195 -15.24 -8.92 -0.37
CA PRO A 195 -16.67 -9.02 -0.01
C PRO A 195 -17.49 -7.79 -0.40
N ALA A 196 -18.73 -8.02 -0.85
CA ALA A 196 -19.59 -6.97 -1.36
C ALA A 196 -19.98 -5.92 -0.32
N ARG A 197 -19.86 -6.22 0.97
CA ARG A 197 -20.16 -5.22 1.99
C ARG A 197 -19.21 -4.03 1.96
N PHE A 198 -18.05 -4.18 1.32
CA PHE A 198 -17.10 -3.06 1.17
C PHE A 198 -17.39 -2.27 -0.10
N SER A 199 -17.45 -0.95 0.05
CA SER A 199 -17.57 -0.10 -1.12
C SER A 199 -16.81 1.19 -0.94
N GLY A 200 -16.31 1.72 -2.04
CA GLY A 200 -15.56 2.97 -2.03
C GLY A 200 -16.29 4.04 -2.78
N SER A 201 -16.20 5.28 -2.28
CA SER A 201 -16.80 6.42 -2.95
CA SER A 201 -16.80 6.42 -2.94
C SER A 201 -16.13 7.72 -2.53
N LEU A 202 -16.60 8.81 -3.13
CA LEU A 202 -16.28 10.15 -2.72
C LEU A 202 -17.53 10.68 -2.04
N ILE A 203 -17.37 11.18 -0.82
CA ILE A 203 -18.43 11.83 -0.09
C ILE A 203 -17.92 13.20 0.30
N GLY A 204 -18.62 14.22 -0.19
CA GLY A 204 -18.15 15.58 0.00
C GLY A 204 -16.77 15.73 -0.63
N ASP A 205 -15.86 16.30 0.16
CA ASP A 205 -14.48 16.52 -0.26
C ASP A 205 -13.52 15.43 0.16
N LYS A 206 -14.01 14.25 0.55
CA LYS A 206 -13.18 13.15 1.01
C LYS A 206 -13.45 11.86 0.23
N ALA A 207 -12.48 10.95 0.28
CA ALA A 207 -12.74 9.57 -0.12
C ALA A 207 -13.30 8.81 1.09
N ALA A 208 -14.13 7.81 0.81
CA ALA A 208 -14.83 7.07 1.87
C ALA A 208 -14.91 5.60 1.57
N LEU A 209 -14.64 4.80 2.60
CA LEU A 209 -14.87 3.36 2.60
C LEU A 209 -16.12 3.11 3.44
N THR A 210 -17.12 2.49 2.84
CA THR A 210 -18.35 2.17 3.58
C THR A 210 -18.42 0.65 3.74
N ILE A 211 -18.70 0.19 4.95
CA ILE A 211 -18.97 -1.22 5.19
C ILE A 211 -20.46 -1.30 5.53
N THR A 212 -21.23 -1.87 4.62
CA THR A 212 -22.67 -1.96 4.79
C THR A 212 -22.99 -3.29 5.42
N GLY A 213 -23.06 -3.28 6.75
CA GLY A 213 -23.21 -4.52 7.54
C GLY A 213 -21.88 -5.02 8.02
N ALA A 214 -21.29 -4.28 8.97
CA ALA A 214 -20.01 -4.66 9.52
C ALA A 214 -20.06 -6.06 10.13
N GLN A 215 -18.96 -6.77 9.98
CA GLN A 215 -18.84 -8.12 10.53
C GLN A 215 -17.71 -8.12 11.57
N THR A 216 -17.80 -9.01 12.54
CA THR A 216 -16.81 -9.08 13.62
CA THR A 216 -16.82 -9.02 13.65
C THR A 216 -15.38 -9.13 13.10
N GLU A 217 -15.18 -9.93 12.06
CA GLU A 217 -13.83 -10.09 11.47
C GLU A 217 -13.31 -8.84 10.76
N ASP A 218 -14.15 -7.81 10.64
CA ASP A 218 -13.72 -6.57 10.01
C ASP A 218 -12.97 -5.67 10.99
N GLU A 219 -12.89 -6.07 12.25
CA GLU A 219 -12.05 -5.36 13.20
C GLU A 219 -10.58 -5.47 12.73
N ALA A 220 -10.01 -4.32 12.42
CA ALA A 220 -8.73 -4.23 11.70
C ALA A 220 -8.35 -2.77 11.61
N ILE A 221 -7.18 -2.50 11.05
CA ILE A 221 -6.74 -1.16 10.75
C ILE A 221 -6.89 -0.96 9.25
N TYR A 222 -7.47 0.15 8.84
CA TYR A 222 -7.74 0.44 7.44
C TYR A 222 -6.95 1.65 7.05
N PHE A 223 -6.11 1.53 6.03
CA PHE A 223 -5.32 2.63 5.50
C PHE A 223 -5.88 3.09 4.17
N CYS A 224 -5.91 4.39 3.94
CA CYS A 224 -6.18 4.90 2.60
C CYS A 224 -4.89 5.43 1.99
N ALA A 225 -4.81 5.34 0.67
CA ALA A 225 -3.68 5.89 -0.08
C ALA A 225 -4.22 6.80 -1.16
N LEU A 226 -3.60 7.98 -1.31
CA LEU A 226 -3.96 8.93 -2.33
C LEU A 226 -2.79 9.19 -3.26
N TRP A 227 -3.10 9.35 -4.52
CA TRP A 227 -2.11 9.64 -5.57
C TRP A 227 -2.03 11.11 -5.86
N TYR A 228 -0.79 11.61 -5.95
CA TYR A 228 -0.53 13.03 -6.22
C TYR A 228 0.43 13.17 -7.38
N SER A 229 -0.12 12.98 -8.58
CA SER A 229 0.58 13.13 -9.90
C SER A 229 1.59 12.05 -10.23
N ASN A 230 2.48 11.76 -9.28
CA ASN A 230 3.59 10.85 -9.51
C ASN A 230 4.06 10.13 -8.26
N HIS A 231 3.28 10.16 -7.17
CA HIS A 231 3.63 9.42 -5.97
C HIS A 231 2.40 9.24 -5.11
N TRP A 232 2.49 8.31 -4.14
CA TRP A 232 1.43 8.00 -3.22
C TRP A 232 1.75 8.50 -1.82
N VAL A 233 0.70 8.90 -1.10
CA VAL A 233 0.77 9.22 0.31
C VAL A 233 -0.31 8.42 1.05
N PHE A 234 0.09 7.69 2.10
CA PHE A 234 -0.82 6.88 2.89
C PHE A 234 -1.29 7.68 4.09
N GLY A 235 -2.54 7.50 4.43
CA GLY A 235 -3.08 8.05 5.65
C GLY A 235 -2.49 7.32 6.84
N GLY A 236 -2.85 7.78 8.03
CA GLY A 236 -2.35 7.21 9.28
C GLY A 236 -3.04 5.94 9.74
N GLY A 237 -4.13 5.58 9.08
CA GLY A 237 -4.89 4.40 9.39
C GLY A 237 -6.00 4.65 10.39
N THR A 238 -7.08 3.91 10.25
CA THR A 238 -8.18 3.95 11.21
C THR A 238 -8.26 2.61 11.88
N LYS A 239 -8.21 2.60 13.22
CA LYS A 239 -8.48 1.38 13.96
C LYS A 239 -10.00 1.20 14.10
N LEU A 240 -10.55 0.21 13.41
CA LEU A 240 -11.98 -0.07 13.49
C LEU A 240 -12.21 -1.16 14.50
N THR A 241 -13.01 -0.86 15.54
CA THR A 241 -13.42 -1.82 16.52
C THR A 241 -14.83 -2.24 16.16
N VAL A 242 -15.09 -3.55 16.18
CA VAL A 242 -16.42 -4.08 15.93
C VAL A 242 -16.84 -4.87 17.18
N LEU A 243 -17.82 -4.08 18.04
CA LEU A 243 -18.07 -4.49 19.41
C LEU A 243 -19.41 -5.19 19.38
N GLY A 244 -19.48 -6.39 19.94
CA GLY A 244 -20.75 -7.05 20.20
C GLY A 244 -20.99 -8.28 19.38
N ALA B 1 -2.24 9.60 -14.26
CA ALA B 1 -2.85 8.57 -13.42
C ALA B 1 -1.82 7.52 -13.04
N PRO B 2 -2.12 6.76 -12.00
CA PRO B 2 -1.30 5.62 -11.64
C PRO B 2 -1.67 4.42 -12.51
N ASP B 3 -1.39 3.19 -12.06
CA ASP B 3 -1.68 2.01 -12.86
C ASP B 3 -3.18 1.73 -12.82
N THR B 4 -3.88 2.09 -13.90
CA THR B 4 -5.32 1.90 -13.98
C THR B 4 -5.71 0.59 -14.68
N ARG B 5 -4.75 -0.28 -14.97
CA ARG B 5 -5.12 -1.54 -15.61
C ARG B 5 -5.97 -2.36 -14.65
N PRO B 6 -7.14 -2.84 -15.12
CA PRO B 6 -7.99 -3.62 -14.23
C PRO B 6 -7.24 -4.81 -13.61
C1 EDO C . 6.82 -9.93 8.08
O1 EDO C . 6.13 -9.13 9.08
C2 EDO C . 8.13 -10.51 8.60
O2 EDO C . 9.23 -9.68 8.20
C1 EDO D . 3.42 7.37 3.06
O1 EDO D . 2.50 8.13 3.77
C2 EDO D . 3.20 7.40 1.58
O2 EDO D . 4.32 7.84 0.90
C1 EDO E . -18.93 6.43 10.94
O1 EDO E . -19.95 5.69 10.23
C2 EDO E . -19.08 7.93 10.69
O2 EDO E . -18.02 8.65 11.34
C1 EDO F . 27.77 -1.87 5.75
O1 EDO F . 28.05 -3.24 6.01
C2 EDO F . 27.95 -0.98 6.97
O2 EDO F . 28.55 0.28 6.62
#